data_1YZL
#
_entry.id   1YZL
#
_cell.length_a   68.325
_cell.length_b   68.325
_cell.length_c   83.229
_cell.angle_alpha   90.00
_cell.angle_beta   90.00
_cell.angle_gamma   120.00
#
_symmetry.space_group_name_H-M   'P 32 2 1'
#
loop_
_entity.id
_entity.type
_entity.pdbx_description
1 polymer 'Ras-related protein Rab-9A'
2 non-polymer 'MAGNESIUM ION'
3 non-polymer 'PHOSPHOAMINOPHOSPHONIC ACID-GUANYLATE ESTER'
4 water water
#
_entity_poly.entity_id   1
_entity_poly.type   'polypeptide(L)'
_entity_poly.pdbx_seq_one_letter_code
;GPLGSAGKSSLFKIILLGDGGVGKSSLMNRYVTNKFDSQLFHTIGVEFLNKDLEVDGHFVTMQIWDTAGQERFRSLRTPF
YRGSDCCLLTFSVDDSQSFQNLSNWKKEFIYYADVKEPESFPFVILGNKTDIKERQVSTEEAQAWCKDNGDYPYFETSAK
DSTNVAAAFEEAVRRILAT
;
_entity_poly.pdbx_strand_id   A
#
# COMPACT_ATOMS: atom_id res chain seq x y z
N LYS A 8 -12.98 13.44 -3.99
CA LYS A 8 -13.40 12.02 -3.78
C LYS A 8 -14.91 11.83 -3.83
N SER A 9 -15.34 10.73 -4.43
CA SER A 9 -16.68 10.23 -4.23
C SER A 9 -16.64 9.54 -2.87
N SER A 10 -17.76 8.95 -2.48
CA SER A 10 -17.84 8.21 -1.21
C SER A 10 -17.04 6.90 -1.25
N LEU A 11 -16.77 6.37 -2.44
CA LEU A 11 -16.01 5.13 -2.56
C LEU A 11 -14.51 5.44 -2.49
N PHE A 12 -13.91 5.16 -1.32
CA PHE A 12 -12.50 5.49 -1.07
C PHE A 12 -11.60 4.48 -1.77
N LYS A 13 -10.87 4.94 -2.78
CA LYS A 13 -10.02 4.07 -3.57
C LYS A 13 -8.59 4.06 -3.01
N ILE A 14 -8.17 2.90 -2.53
CA ILE A 14 -6.87 2.71 -1.92
C ILE A 14 -6.12 1.73 -2.80
N ILE A 15 -4.98 2.15 -3.33
CA ILE A 15 -4.20 1.33 -4.24
C ILE A 15 -2.87 0.91 -3.62
N LEU A 16 -2.51 -0.36 -3.84
CA LEU A 16 -1.28 -0.95 -3.31
C LEU A 16 -0.24 -1.01 -4.43
N LEU A 17 0.92 -0.39 -4.21
CA LEU A 17 2.06 -0.46 -5.13
C LEU A 17 3.32 -0.91 -4.38
N GLY A 18 4.23 -1.59 -5.09
CA GLY A 18 5.47 -2.09 -4.49
C GLY A 18 6.03 -3.25 -5.27
N ASP A 19 7.30 -3.60 -5.01
CA ASP A 19 7.97 -4.66 -5.76
C ASP A 19 7.22 -5.98 -5.70
N GLY A 20 7.47 -6.83 -6.68
CA GLY A 20 6.95 -8.18 -6.67
C GLY A 20 7.45 -8.90 -5.42
N GLY A 21 6.54 -9.60 -4.75
CA GLY A 21 6.89 -10.44 -3.61
C GLY A 21 6.82 -9.77 -2.25
N VAL A 22 6.56 -8.47 -2.22
CA VAL A 22 6.59 -7.74 -0.94
C VAL A 22 5.39 -8.06 -0.05
N GLY A 23 4.29 -8.51 -0.66
CA GLY A 23 3.11 -8.96 0.10
C GLY A 23 1.83 -8.15 -0.10
N LYS A 24 1.70 -7.47 -1.24
CA LYS A 24 0.53 -6.62 -1.48
C LYS A 24 -0.78 -7.40 -1.50
N SER A 25 -0.83 -8.47 -2.28
CA SER A 25 -2.02 -9.31 -2.34
C SER A 25 -2.35 -9.89 -0.96
N SER A 26 -1.32 -10.37 -0.25
CA SER A 26 -1.51 -10.90 1.10
C SER A 26 -2.06 -9.85 2.06
N LEU A 27 -1.56 -8.62 1.96
CA LEU A 27 -2.10 -7.53 2.79
C LEU A 27 -3.58 -7.28 2.52
N MET A 28 -3.95 -7.19 1.25
CA MET A 28 -5.36 -7.00 0.90
C MET A 28 -6.19 -8.18 1.39
N ASN A 29 -5.73 -9.39 1.11
CA ASN A 29 -6.46 -10.59 1.50
C ASN A 29 -6.59 -10.75 3.01
N ARG A 30 -5.56 -10.38 3.77
CA ARG A 30 -5.64 -10.41 5.23
C ARG A 30 -6.68 -9.41 5.73
N TYR A 31 -6.67 -8.20 5.20
CA TYR A 31 -7.60 -7.17 5.66
C TYR A 31 -9.04 -7.48 5.31
N VAL A 32 -9.28 -7.92 4.08
CA VAL A 32 -10.65 -8.12 3.59
C VAL A 32 -11.27 -9.44 4.08
N THR A 33 -10.50 -10.53 4.03
CA THR A 33 -11.03 -11.87 4.33
C THR A 33 -10.43 -12.51 5.59
N ASN A 34 -9.44 -11.86 6.20
CA ASN A 34 -8.70 -12.41 7.36
C ASN A 34 -8.10 -13.80 7.08
N LYS A 35 -7.48 -13.93 5.92
CA LYS A 35 -6.81 -15.17 5.52
C LYS A 35 -5.37 -14.86 5.11
N PHE A 36 -4.52 -15.88 5.17
CA PHE A 36 -3.16 -15.80 4.66
C PHE A 36 -2.80 -17.09 3.92
N ASP A 37 -2.02 -16.93 2.85
CA ASP A 37 -1.62 -18.05 2.02
C ASP A 37 -0.12 -17.95 1.79
N SER A 38 0.63 -18.95 2.27
CA SER A 38 2.08 -18.96 2.09
C SER A 38 2.49 -19.23 0.64
N GLN A 39 1.54 -19.65 -0.20
CA GLN A 39 1.83 -20.07 -1.57
C GLN A 39 1.21 -19.19 -2.67
N LEU A 40 0.93 -17.92 -2.38
CA LEU A 40 0.36 -17.01 -3.38
C LEU A 40 1.23 -16.87 -4.62
N PHE A 41 0.60 -16.72 -5.80
CA PHE A 41 1.31 -16.49 -7.06
C PHE A 41 1.34 -15.01 -7.43
N HIS A 42 2.27 -14.64 -8.30
CA HIS A 42 2.42 -13.25 -8.74
C HIS A 42 1.11 -12.74 -9.37
N THR A 43 0.80 -11.49 -9.08
CA THR A 43 -0.36 -10.82 -9.67
C THR A 43 -0.01 -10.36 -11.08
N ILE A 44 -0.97 -10.50 -11.99
CA ILE A 44 -0.80 -10.09 -13.37
C ILE A 44 -1.66 -8.83 -13.58
N GLY A 45 -2.92 -9.01 -13.93
CA GLY A 45 -3.83 -7.87 -14.03
C GLY A 45 -4.25 -7.40 -12.64
N VAL A 46 -4.73 -6.17 -12.57
CA VAL A 46 -5.18 -5.62 -11.30
C VAL A 46 -6.40 -6.38 -10.78
N GLU A 47 -6.55 -6.36 -9.47
CA GLU A 47 -7.71 -6.94 -8.81
C GLU A 47 -8.20 -5.92 -7.80
N PHE A 48 -9.51 -5.86 -7.59
CA PHE A 48 -10.03 -4.97 -6.55
C PHE A 48 -11.08 -5.66 -5.69
N LEU A 49 -11.19 -5.21 -4.45
CA LEU A 49 -12.15 -5.75 -3.50
C LEU A 49 -12.76 -4.62 -2.71
N ASN A 50 -14.06 -4.74 -2.44
CA ASN A 50 -14.75 -3.77 -1.60
C ASN A 50 -14.62 -4.16 -0.14
N LYS A 51 -14.57 -3.15 0.72
CA LYS A 51 -14.62 -3.37 2.15
C LYS A 51 -15.29 -2.19 2.81
N ASP A 52 -16.29 -2.48 3.62
CA ASP A 52 -17.09 -1.47 4.29
C ASP A 52 -16.98 -1.68 5.79
N LEU A 53 -16.79 -0.59 6.52
CA LEU A 53 -16.81 -0.63 7.99
C LEU A 53 -16.80 0.76 8.62
N GLU A 54 -16.73 0.80 9.94
CA GLU A 54 -16.54 2.03 10.69
C GLU A 54 -15.08 2.14 11.09
N VAL A 55 -14.51 3.33 10.92
CA VAL A 55 -13.14 3.60 11.35
C VAL A 55 -13.17 4.48 12.59
N ASP A 56 -13.70 5.69 12.48
CA ASP A 56 -13.76 6.60 13.65
C ASP A 56 -14.95 6.23 14.54
N GLY A 57 -15.60 5.11 14.22
CA GLY A 57 -16.98 4.89 14.55
C GLY A 57 -17.87 5.52 13.48
N HIS A 58 -17.31 5.82 12.30
CA HIS A 58 -18.05 6.40 11.18
C HIS A 58 -17.97 5.55 9.92
N PHE A 59 -19.07 5.47 9.18
CA PHE A 59 -19.21 4.51 8.08
C PHE A 59 -18.40 4.86 6.83
N VAL A 60 -17.54 3.93 6.42
CA VAL A 60 -16.70 4.11 5.24
C VAL A 60 -16.89 2.96 4.26
N THR A 61 -16.98 3.28 2.98
CA THR A 61 -16.94 2.29 1.92
C THR A 61 -15.63 2.44 1.16
N MET A 62 -14.77 1.43 1.23
CA MET A 62 -13.53 1.46 0.45
C MET A 62 -13.53 0.43 -0.67
N GLN A 63 -12.67 0.67 -1.64
CA GLN A 63 -12.39 -0.30 -2.69
C GLN A 63 -10.87 -0.36 -2.79
N ILE A 64 -10.30 -1.53 -2.50
CA ILE A 64 -8.87 -1.69 -2.46
C ILE A 64 -8.42 -2.26 -3.81
N TRP A 65 -7.42 -1.63 -4.42
CA TRP A 65 -6.90 -2.07 -5.72
C TRP A 65 -5.51 -2.68 -5.56
N ASP A 66 -5.41 -3.95 -5.94
CA ASP A 66 -4.17 -4.70 -5.85
C ASP A 66 -3.56 -4.69 -7.26
N THR A 67 -2.24 -4.50 -7.35
CA THR A 67 -1.54 -4.39 -8.62
C THR A 67 -0.34 -5.33 -8.68
N ALA A 68 0.13 -5.60 -9.90
CA ALA A 68 1.36 -6.37 -10.11
C ALA A 68 2.56 -5.54 -9.72
N GLY A 69 3.43 -6.10 -8.89
CA GLY A 69 4.70 -5.46 -8.57
C GLY A 69 5.76 -5.59 -9.66
N GLN A 70 5.65 -6.62 -10.49
CA GLN A 70 6.69 -6.92 -11.49
C GLN A 70 6.70 -5.93 -12.66
N GLU A 71 7.91 -5.53 -13.08
CA GLU A 71 8.08 -4.49 -14.10
C GLU A 71 7.40 -4.84 -15.42
N ARG A 72 7.40 -6.12 -15.78
CA ARG A 72 6.81 -6.59 -17.04
C ARG A 72 5.32 -6.27 -17.16
N PHE A 73 4.65 -6.05 -16.02
CA PHE A 73 3.22 -5.76 -16.00
C PHE A 73 2.86 -4.29 -15.74
N ARG A 74 3.80 -3.37 -15.91
CA ARG A 74 3.53 -1.94 -15.71
C ARG A 74 2.29 -1.47 -16.50
N SER A 75 2.21 -1.86 -17.76
CA SER A 75 1.11 -1.41 -18.62
C SER A 75 -0.28 -1.93 -18.19
N LEU A 76 -0.32 -2.98 -17.37
CA LEU A 76 -1.58 -3.50 -16.86
C LEU A 76 -2.12 -2.70 -15.66
N ARG A 77 -1.23 -2.05 -14.91
CA ARG A 77 -1.59 -1.40 -13.66
C ARG A 77 -1.72 0.12 -13.78
N THR A 78 -0.87 0.76 -14.59
CA THR A 78 -0.88 2.22 -14.67
C THR A 78 -2.19 2.89 -15.11
N PRO A 79 -2.99 2.24 -15.97
CA PRO A 79 -4.27 2.90 -16.30
C PRO A 79 -5.20 3.09 -15.11
N PHE A 80 -4.98 2.33 -14.03
CA PHE A 80 -5.88 2.33 -12.89
C PHE A 80 -5.38 3.13 -11.69
N TYR A 81 -4.25 3.83 -11.86
CA TYR A 81 -3.77 4.74 -10.83
C TYR A 81 -4.71 5.94 -10.68
N ARG A 82 -5.20 6.46 -11.82
CA ARG A 82 -6.03 7.66 -11.81
C ARG A 82 -7.24 7.39 -10.93
N GLY A 83 -7.63 8.38 -10.14
CA GLY A 83 -8.81 8.28 -9.29
C GLY A 83 -8.54 7.68 -7.92
N SER A 84 -7.31 7.24 -7.68
CA SER A 84 -6.90 6.78 -6.37
C SER A 84 -6.94 7.92 -5.33
N ASP A 85 -7.44 7.60 -4.14
CA ASP A 85 -7.50 8.56 -3.03
C ASP A 85 -6.28 8.45 -2.09
N CYS A 86 -5.68 7.26 -2.04
CA CYS A 86 -4.50 7.02 -1.21
C CYS A 86 -3.72 5.86 -1.82
N CYS A 87 -2.41 5.93 -1.71
CA CYS A 87 -1.54 4.88 -2.21
C CYS A 87 -0.79 4.25 -1.04
N LEU A 88 -0.93 2.94 -0.89
CA LEU A 88 -0.15 2.16 0.05
C LEU A 88 1.13 1.73 -0.65
N LEU A 89 2.20 2.46 -0.38
CA LEU A 89 3.51 2.19 -0.96
C LEU A 89 4.11 1.10 -0.09
N THR A 90 4.33 -0.08 -0.66
CA THR A 90 4.68 -1.25 0.13
C THR A 90 6.08 -1.77 -0.21
N PHE A 91 6.87 -2.07 0.81
CA PHE A 91 8.10 -2.84 0.63
C PHE A 91 8.13 -3.97 1.66
N SER A 92 9.14 -4.83 1.60
CA SER A 92 9.29 -5.88 2.60
C SER A 92 10.56 -5.64 3.39
N VAL A 93 10.48 -5.76 4.72
CA VAL A 93 11.64 -5.47 5.57
C VAL A 93 12.78 -6.48 5.37
N ASP A 94 12.49 -7.61 4.73
CA ASP A 94 13.53 -8.59 4.41
C ASP A 94 14.15 -8.41 3.03
N ASP A 95 13.82 -7.30 2.35
CA ASP A 95 14.21 -7.08 0.96
C ASP A 95 14.66 -5.63 0.76
N SER A 96 15.97 -5.39 0.85
CA SER A 96 16.53 -4.05 0.74
C SER A 96 16.17 -3.36 -0.58
N GLN A 97 16.20 -4.12 -1.68
CA GLN A 97 15.89 -3.54 -2.99
C GLN A 97 14.46 -2.97 -3.04
N SER A 98 13.53 -3.67 -2.40
CA SER A 98 12.12 -3.21 -2.37
C SER A 98 12.01 -1.85 -1.68
N PHE A 99 12.80 -1.64 -0.62
CA PHE A 99 12.86 -0.34 0.06
C PHE A 99 13.56 0.72 -0.80
N GLN A 100 14.68 0.36 -1.39
CA GLN A 100 15.42 1.29 -2.23
C GLN A 100 14.58 1.79 -3.43
N ASN A 101 13.58 0.99 -3.81
CA ASN A 101 12.70 1.32 -4.93
C ASN A 101 11.49 2.20 -4.59
N LEU A 102 11.34 2.58 -3.32
CA LEU A 102 10.17 3.40 -2.92
C LEU A 102 10.03 4.71 -3.69
N SER A 103 11.15 5.43 -3.84
CA SER A 103 11.13 6.70 -4.56
C SER A 103 10.69 6.48 -6.00
N ASN A 104 11.15 5.39 -6.61
CA ASN A 104 10.76 5.06 -7.99
C ASN A 104 9.25 4.81 -8.09
N TRP A 105 8.73 4.05 -7.13
CA TRP A 105 7.29 3.78 -7.08
C TRP A 105 6.45 5.05 -6.90
N LYS A 106 6.89 5.94 -6.02
CA LYS A 106 6.19 7.22 -5.82
C LYS A 106 6.15 8.01 -7.12
N LYS A 107 7.30 8.08 -7.81
CA LYS A 107 7.38 8.80 -9.08
C LYS A 107 6.50 8.17 -10.15
N GLU A 108 6.47 6.85 -10.22
CA GLU A 108 5.62 6.14 -11.18
C GLU A 108 4.16 6.45 -10.91
N PHE A 109 3.76 6.39 -9.64
CA PHE A 109 2.38 6.73 -9.28
C PHE A 109 2.01 8.14 -9.73
N ILE A 110 2.80 9.13 -9.33
CA ILE A 110 2.49 10.52 -9.64
C ILE A 110 2.40 10.74 -11.15
N TYR A 111 3.33 10.15 -11.89
CA TYR A 111 3.37 10.37 -13.33
C TYR A 111 2.10 9.86 -14.01
N TYR A 112 1.68 8.65 -13.65
CA TYR A 112 0.53 8.01 -14.31
C TYR A 112 -0.83 8.33 -13.67
N ALA A 113 -0.84 8.78 -12.42
CA ALA A 113 -2.09 9.06 -11.70
C ALA A 113 -2.75 10.39 -12.09
N ASP A 114 -1.94 11.37 -12.48
CA ASP A 114 -2.42 12.74 -12.76
C ASP A 114 -3.47 13.17 -11.72
N VAL A 115 -3.08 13.15 -10.45
CA VAL A 115 -3.99 13.52 -9.36
C VAL A 115 -4.13 15.03 -9.28
N LYS A 116 -5.19 15.50 -8.61
CA LYS A 116 -5.58 16.93 -8.63
C LYS A 116 -4.47 17.90 -8.19
N GLU A 117 -3.70 17.51 -7.19
CA GLU A 117 -2.51 18.27 -6.78
C GLU A 117 -1.50 17.34 -6.12
N PRO A 118 -0.45 17.00 -6.86
CA PRO A 118 0.47 15.93 -6.47
C PRO A 118 1.21 16.17 -5.15
N GLU A 119 1.43 17.44 -4.80
CA GLU A 119 2.26 17.80 -3.64
C GLU A 119 1.77 17.21 -2.31
N SER A 120 0.46 17.17 -2.13
CA SER A 120 -0.12 16.73 -0.86
C SER A 120 -0.85 15.39 -0.97
N PHE A 121 -0.60 14.63 -2.04
CA PHE A 121 -1.33 13.38 -2.20
C PHE A 121 -0.97 12.42 -1.05
N PRO A 122 -1.98 11.78 -0.42
CA PRO A 122 -1.76 10.85 0.69
C PRO A 122 -1.06 9.53 0.31
N PHE A 123 0.17 9.32 0.80
CA PHE A 123 0.79 8.00 0.78
C PHE A 123 0.90 7.46 2.21
N VAL A 124 0.70 6.16 2.35
CA VAL A 124 0.98 5.45 3.60
C VAL A 124 1.98 4.33 3.30
N ILE A 125 3.07 4.28 4.06
CA ILE A 125 4.17 3.39 3.73
C ILE A 125 4.16 2.17 4.63
N LEU A 126 4.18 0.98 4.01
CA LEU A 126 4.15 -0.29 4.74
C LEU A 126 5.45 -1.07 4.53
N GLY A 127 6.13 -1.37 5.64
CA GLY A 127 7.24 -2.31 5.65
C GLY A 127 6.69 -3.65 6.11
N ASN A 128 6.42 -4.53 5.16
CA ASN A 128 5.72 -5.78 5.41
C ASN A 128 6.71 -6.91 5.73
N LYS A 129 6.17 -8.02 6.23
CA LYS A 129 6.95 -9.20 6.60
C LYS A 129 7.75 -8.94 7.86
N THR A 130 7.21 -8.08 8.72
CA THR A 130 7.89 -7.70 9.98
C THR A 130 8.08 -8.92 10.90
N ASP A 131 7.30 -9.98 10.67
CA ASP A 131 7.49 -11.26 11.36
C ASP A 131 8.84 -11.92 11.06
N ILE A 132 9.47 -11.57 9.96
CA ILE A 132 10.81 -12.09 9.64
C ILE A 132 11.86 -11.29 10.44
N LYS A 133 12.58 -11.99 11.32
CA LYS A 133 13.57 -11.34 12.19
C LYS A 133 14.88 -11.03 11.48
N GLU A 134 15.23 -11.83 10.47
CA GLU A 134 16.40 -11.52 9.63
C GLU A 134 16.02 -10.45 8.61
N ARG A 135 15.97 -9.21 9.08
CA ARG A 135 15.57 -8.09 8.22
C ARG A 135 16.77 -7.55 7.44
N GLN A 136 16.49 -6.93 6.30
CA GLN A 136 17.49 -6.25 5.48
C GLN A 136 17.30 -4.72 5.53
N VAL A 137 16.15 -4.27 6.03
CA VAL A 137 15.80 -2.85 6.07
C VAL A 137 15.58 -2.43 7.51
N SER A 138 16.16 -1.32 7.92
CA SER A 138 16.02 -0.86 9.30
C SER A 138 14.78 0.02 9.46
N THR A 139 14.10 -0.12 10.59
CA THR A 139 12.98 0.75 10.93
C THR A 139 13.40 2.22 10.90
N GLU A 140 14.61 2.51 11.39
CA GLU A 140 15.13 3.88 11.44
C GLU A 140 15.22 4.52 10.06
N GLU A 141 15.81 3.81 9.11
CA GLU A 141 15.98 4.38 7.76
C GLU A 141 14.63 4.51 7.05
N ALA A 142 13.73 3.54 7.27
CA ALA A 142 12.39 3.62 6.71
C ALA A 142 11.62 4.81 7.29
N GLN A 143 11.67 4.98 8.60
CA GLN A 143 11.05 6.15 9.23
C GLN A 143 11.63 7.44 8.65
N ALA A 144 12.95 7.45 8.44
CA ALA A 144 13.62 8.62 7.88
C ALA A 144 13.14 8.95 6.47
N TRP A 145 12.98 7.92 5.63
CA TRP A 145 12.48 8.13 4.26
C TRP A 145 11.09 8.73 4.28
N CYS A 146 10.23 8.19 5.14
CA CYS A 146 8.86 8.70 5.28
C CYS A 146 8.82 10.16 5.70
N LYS A 147 9.69 10.52 6.64
CA LYS A 147 9.75 11.90 7.11
C LYS A 147 10.21 12.83 6.00
N ASP A 148 11.29 12.45 5.32
CA ASP A 148 11.93 13.30 4.31
C ASP A 148 11.14 13.45 3.01
N ASN A 149 10.26 12.50 2.71
CA ASN A 149 9.58 12.48 1.41
C ASN A 149 8.10 12.82 1.45
N GLY A 150 7.68 13.55 2.48
CA GLY A 150 6.30 14.00 2.61
C GLY A 150 5.69 13.79 3.98
N ASP A 151 6.51 13.31 4.93
CA ASP A 151 6.07 13.04 6.29
C ASP A 151 4.90 12.06 6.32
N TYR A 152 5.08 10.96 5.60
CA TYR A 152 4.05 9.93 5.50
C TYR A 152 3.99 9.07 6.75
N PRO A 153 2.79 8.57 7.08
CA PRO A 153 2.64 7.53 8.08
C PRO A 153 3.38 6.26 7.67
N TYR A 154 4.06 5.64 8.63
CA TYR A 154 4.80 4.41 8.40
C TYR A 154 4.30 3.32 9.32
N PHE A 155 4.05 2.13 8.75
CA PHE A 155 3.67 0.93 9.51
C PHE A 155 4.52 -0.28 9.19
N GLU A 156 5.02 -0.93 10.24
CA GLU A 156 5.60 -2.26 10.12
C GLU A 156 4.45 -3.26 10.20
N THR A 157 4.27 -4.04 9.14
CA THR A 157 3.12 -4.92 9.02
C THR A 157 3.52 -6.36 8.81
N SER A 158 2.61 -7.26 9.13
CA SER A 158 2.73 -8.66 8.75
C SER A 158 1.37 -9.17 8.32
N ALA A 159 1.24 -9.51 7.04
CA ALA A 159 0.02 -10.17 6.56
C ALA A 159 -0.06 -11.57 7.16
N LYS A 160 1.09 -12.15 7.49
CA LYS A 160 1.14 -13.51 8.05
C LYS A 160 0.51 -13.59 9.45
N ASP A 161 0.95 -12.74 10.37
CA ASP A 161 0.40 -12.74 11.73
C ASP A 161 -0.53 -11.57 12.05
N SER A 162 -0.89 -10.79 11.02
CA SER A 162 -1.92 -9.72 11.11
C SER A 162 -1.45 -8.37 11.67
N THR A 163 -0.23 -8.32 12.20
CA THR A 163 0.28 -7.11 12.84
C THR A 163 0.11 -5.84 12.00
N ASN A 164 -0.60 -4.86 12.57
CA ASN A 164 -0.77 -3.52 11.99
C ASN A 164 -1.42 -3.43 10.60
N VAL A 165 -2.03 -4.52 10.14
CA VAL A 165 -2.64 -4.53 8.81
C VAL A 165 -3.89 -3.66 8.82
N ALA A 166 -4.78 -3.91 9.77
CA ALA A 166 -5.96 -3.07 9.95
C ALA A 166 -5.58 -1.63 10.29
N ALA A 167 -4.58 -1.45 11.15
CA ALA A 167 -4.08 -0.12 11.50
C ALA A 167 -3.68 0.68 10.24
N ALA A 168 -2.97 0.01 9.34
CA ALA A 168 -2.50 0.63 8.11
C ALA A 168 -3.65 1.11 7.21
N PHE A 169 -4.64 0.25 6.98
CA PHE A 169 -5.79 0.61 6.15
C PHE A 169 -6.64 1.67 6.84
N GLU A 170 -6.76 1.57 8.16
CA GLU A 170 -7.53 2.58 8.90
C GLU A 170 -6.88 3.95 8.80
N GLU A 171 -5.55 4.01 8.83
CA GLU A 171 -4.85 5.28 8.67
C GLU A 171 -5.02 5.81 7.25
N ALA A 172 -5.01 4.92 6.25
CA ALA A 172 -5.27 5.34 4.87
C ALA A 172 -6.60 6.07 4.76
N VAL A 173 -7.64 5.52 5.41
CA VAL A 173 -8.95 6.17 5.47
C VAL A 173 -8.84 7.54 6.15
N ARG A 174 -8.09 7.63 7.25
CA ARG A 174 -7.92 8.90 7.96
C ARG A 174 -7.21 9.96 7.14
N ARG A 175 -6.31 9.52 6.25
CA ARG A 175 -5.59 10.42 5.36
C ARG A 175 -6.46 10.88 4.17
N ILE A 176 -7.41 10.06 3.76
CA ILE A 176 -8.36 10.42 2.70
C ILE A 176 -9.43 11.40 3.20
N LEU A 177 -9.96 11.16 4.40
CA LEU A 177 -11.14 11.90 4.87
C LEU A 177 -11.03 13.42 4.71
N ALA A 178 -9.89 14.00 5.10
CA ALA A 178 -9.68 15.44 5.03
C ALA A 178 -9.65 15.94 3.60
N THR A 179 -9.44 14.97 2.70
CA THR A 179 -9.52 15.05 1.24
C THR A 179 -8.15 15.36 0.67
#